data_2DTN
#
_entry.id   2DTN
#
_cell.length_a   49.431
_cell.length_b   58.763
_cell.length_c   154.185
_cell.angle_alpha   90.00
_cell.angle_beta   90.00
_cell.angle_gamma   90.00
#
_symmetry.space_group_name_H-M   'P 21 21 21'
#
loop_
_entity.id
_entity.type
_entity.pdbx_description
1 polymer 'undecaprenyl pyrophosphate synthase'
2 non-polymer DIPHOSPHATE
3 water water
#
_entity_poly.entity_id   1
_entity_poly.type   'polypeptide(L)'
_entity_poly.pdbx_seq_one_letter_code
;MLSATQPLSEKLDSTLKHLAIIMDGNGRWAKLKNKARAYGHKKGVKTLKDITIWCANHKLECLTLYAFSTENWKRPKSEV
DFLMKMLKKYLKDERSTYLDNNIRFRAIGDLEGFSKELRDTILQLENDTRHFKDFTQVLALNYGSKNELSRAFKSLLESP
PSNISLLESLENEISNRLDTRNLPEVDLLLRTGGEMRLSNFLLWQSSYAELFFTPILWPDFTPKDLENIISDFYKRVRKF
GELKA
;
_entity_poly.pdbx_strand_id   A,B
#
loop_
_chem_comp.id
_chem_comp.type
_chem_comp.name
_chem_comp.formula
DPO non-polymer DIPHOSPHATE 'O7 P2 -4'
#
# COMPACT_ATOMS: atom_id res chain seq x y z
N SER A 14 -14.94 -16.32 5.97
CA SER A 14 -15.44 -15.65 7.22
C SER A 14 -14.91 -14.23 7.29
N THR A 15 -13.84 -14.06 8.05
CA THR A 15 -13.20 -12.77 8.21
C THR A 15 -12.14 -12.64 7.12
N LEU A 16 -11.63 -13.79 6.65
CA LEU A 16 -10.64 -13.80 5.60
C LEU A 16 -11.25 -14.25 4.29
N LYS A 17 -11.66 -13.28 3.47
CA LYS A 17 -12.27 -13.59 2.18
C LYS A 17 -11.31 -13.44 1.01
N HIS A 18 -10.50 -12.39 1.02
CA HIS A 18 -9.59 -12.16 -0.07
C HIS A 18 -8.12 -12.16 0.33
N LEU A 19 -7.38 -13.13 -0.17
CA LEU A 19 -5.96 -13.26 0.11
C LEU A 19 -5.18 -12.86 -1.13
N ALA A 20 -4.16 -12.04 -0.94
CA ALA A 20 -3.32 -11.59 -2.04
C ALA A 20 -1.89 -11.96 -1.68
N ILE A 21 -1.16 -12.50 -2.63
CA ILE A 21 0.22 -12.92 -2.37
C ILE A 21 1.22 -12.42 -3.39
N ILE A 22 2.34 -11.89 -2.90
CA ILE A 22 3.42 -11.44 -3.77
C ILE A 22 4.43 -12.60 -3.74
N MET A 23 4.47 -13.37 -4.83
CA MET A 23 5.35 -14.53 -4.94
C MET A 23 6.78 -14.08 -5.25
N ASP A 24 7.66 -14.18 -4.27
CA ASP A 24 9.03 -13.73 -4.49
C ASP A 24 10.06 -14.72 -3.96
N GLY A 25 11.20 -14.81 -4.64
CA GLY A 25 12.25 -15.72 -4.22
C GLY A 25 12.51 -16.88 -5.16
N ASN A 26 11.91 -16.84 -6.35
CA ASN A 26 12.06 -17.90 -7.34
C ASN A 26 13.47 -17.97 -7.89
N GLY A 27 13.97 -16.84 -8.39
CA GLY A 27 15.32 -16.82 -8.92
C GLY A 27 16.32 -17.09 -7.81
N ARG A 28 16.18 -16.34 -6.72
CA ARG A 28 17.08 -16.46 -5.57
C ARG A 28 17.09 -17.90 -5.05
N TRP A 29 15.99 -18.61 -5.24
CA TRP A 29 15.88 -19.99 -4.78
C TRP A 29 16.81 -20.89 -5.60
N ALA A 30 16.64 -20.88 -6.92
CA ALA A 30 17.46 -21.69 -7.81
C ALA A 30 18.94 -21.44 -7.50
N LYS A 31 19.30 -20.17 -7.42
CA LYS A 31 20.66 -19.74 -7.13
C LYS A 31 21.23 -20.44 -5.90
N LEU A 32 20.50 -20.41 -4.79
CA LEU A 32 20.94 -21.03 -3.55
C LEU A 32 21.18 -22.53 -3.68
N LYS A 33 20.65 -23.13 -4.73
CA LYS A 33 20.83 -24.57 -4.97
C LYS A 33 21.71 -24.77 -6.20
N ASN A 34 22.45 -23.72 -6.54
CA ASN A 34 23.35 -23.74 -7.70
C ASN A 34 22.63 -24.31 -8.91
N LYS A 35 21.46 -23.75 -9.22
CA LYS A 35 20.66 -24.21 -10.35
C LYS A 35 20.30 -23.09 -11.32
N ALA A 36 19.65 -23.45 -12.42
CA ALA A 36 19.24 -22.49 -13.43
C ALA A 36 17.98 -21.74 -12.99
N ARG A 37 17.97 -20.42 -13.21
CA ARG A 37 16.83 -19.59 -12.83
C ARG A 37 15.50 -20.16 -13.33
N ALA A 38 15.50 -20.75 -14.52
CA ALA A 38 14.31 -21.32 -15.09
C ALA A 38 13.76 -22.47 -14.24
N TYR A 39 14.65 -23.17 -13.56
CA TYR A 39 14.27 -24.29 -12.70
C TYR A 39 13.48 -23.77 -11.49
N GLY A 40 13.86 -22.60 -11.00
CA GLY A 40 13.18 -22.02 -9.86
C GLY A 40 11.77 -21.57 -10.20
N HIS A 41 11.61 -20.96 -11.37
CA HIS A 41 10.31 -20.48 -11.80
C HIS A 41 9.33 -21.63 -12.06
N LYS A 42 9.86 -22.84 -12.24
CA LYS A 42 9.00 -23.99 -12.49
C LYS A 42 8.41 -24.50 -11.18
N LYS A 43 9.22 -24.56 -10.13
CA LYS A 43 8.72 -25.00 -8.82
C LYS A 43 7.77 -23.93 -8.30
N GLY A 44 8.05 -22.68 -8.67
CA GLY A 44 7.20 -21.57 -8.26
C GLY A 44 5.81 -21.78 -8.82
N VAL A 45 5.74 -22.07 -10.11
CA VAL A 45 4.46 -22.32 -10.78
C VAL A 45 3.72 -23.48 -10.10
N LYS A 46 4.46 -24.48 -9.65
CA LYS A 46 3.84 -25.63 -8.98
C LYS A 46 3.20 -25.18 -7.68
N THR A 47 3.97 -24.45 -6.88
CA THR A 47 3.48 -23.95 -5.59
C THR A 47 2.20 -23.18 -5.87
N LEU A 48 2.19 -22.41 -6.95
CA LEU A 48 1.01 -21.65 -7.31
C LEU A 48 -0.22 -22.56 -7.41
N LYS A 49 -0.10 -23.66 -8.16
CA LYS A 49 -1.22 -24.58 -8.30
C LYS A 49 -1.62 -25.12 -6.93
N ASP A 50 -0.63 -25.57 -6.17
CA ASP A 50 -0.89 -26.10 -4.84
C ASP A 50 -1.63 -25.10 -3.98
N ILE A 51 -1.19 -23.85 -4.01
CA ILE A 51 -1.82 -22.81 -3.21
C ILE A 51 -3.24 -22.49 -3.66
N THR A 52 -3.50 -22.42 -4.96
CA THR A 52 -4.86 -22.10 -5.38
C THR A 52 -5.84 -23.22 -5.02
N ILE A 53 -5.42 -24.46 -5.23
CA ILE A 53 -6.28 -25.60 -4.90
C ILE A 53 -6.59 -25.62 -3.40
N TRP A 54 -5.55 -25.45 -2.59
CA TRP A 54 -5.73 -25.43 -1.15
C TRP A 54 -6.80 -24.41 -0.82
N CYS A 55 -6.62 -23.19 -1.29
CA CYS A 55 -7.56 -22.12 -1.04
C CYS A 55 -8.97 -22.45 -1.52
N ALA A 56 -9.09 -23.02 -2.72
CA ALA A 56 -10.39 -23.39 -3.25
C ALA A 56 -11.07 -24.41 -2.33
N ASN A 57 -10.26 -25.33 -1.81
CA ASN A 57 -10.76 -26.37 -0.92
C ASN A 57 -11.06 -25.89 0.49
N HIS A 58 -10.62 -24.69 0.82
CA HIS A 58 -10.87 -24.17 2.16
C HIS A 58 -11.78 -22.95 2.18
N LYS A 59 -12.70 -22.94 1.23
CA LYS A 59 -13.72 -21.90 1.10
C LYS A 59 -13.23 -20.45 1.15
N LEU A 60 -12.31 -20.10 0.26
CA LEU A 60 -11.80 -18.75 0.17
C LEU A 60 -12.47 -18.16 -1.07
N GLU A 61 -12.89 -16.91 -1.01
CA GLU A 61 -13.58 -16.33 -2.16
C GLU A 61 -12.68 -15.82 -3.29
N CYS A 62 -11.57 -15.19 -2.93
CA CYS A 62 -10.67 -14.65 -3.94
C CYS A 62 -9.21 -14.82 -3.55
N LEU A 63 -8.38 -15.15 -4.54
CA LEU A 63 -6.95 -15.33 -4.34
C LEU A 63 -6.25 -14.60 -5.48
N THR A 64 -5.49 -13.56 -5.14
CA THR A 64 -4.77 -12.81 -6.17
C THR A 64 -3.28 -13.02 -6.09
N LEU A 65 -2.68 -13.35 -7.24
CA LEU A 65 -1.26 -13.61 -7.30
C LEU A 65 -0.53 -12.60 -8.18
N TYR A 66 0.51 -11.99 -7.64
CA TYR A 66 1.29 -11.03 -8.39
C TYR A 66 2.23 -11.85 -9.25
N ALA A 67 1.92 -11.96 -10.54
CA ALA A 67 2.71 -12.74 -11.47
C ALA A 67 3.73 -11.94 -12.27
N PHE A 68 3.32 -10.79 -12.82
CA PHE A 68 4.22 -9.97 -13.63
C PHE A 68 3.83 -8.49 -13.64
N GLU A 79 12.64 -10.63 -26.58
CA GLU A 79 12.60 -11.70 -25.54
C GLU A 79 11.23 -11.77 -24.87
N VAL A 80 10.65 -10.62 -24.59
CA VAL A 80 9.34 -10.54 -23.96
C VAL A 80 8.28 -11.23 -24.82
N ASP A 81 8.56 -11.36 -26.11
CA ASP A 81 7.63 -12.01 -27.03
C ASP A 81 7.56 -13.51 -26.74
N PHE A 82 8.63 -14.04 -26.17
CA PHE A 82 8.71 -15.47 -25.84
C PHE A 82 8.02 -15.82 -24.53
N LEU A 83 8.12 -14.94 -23.55
CA LEU A 83 7.49 -15.19 -22.25
C LEU A 83 5.97 -15.18 -22.33
N MET A 84 5.43 -14.37 -23.24
CA MET A 84 3.98 -14.29 -23.43
C MET A 84 3.49 -15.56 -24.13
N LYS A 85 4.42 -16.31 -24.69
CA LYS A 85 4.10 -17.54 -25.38
C LYS A 85 4.05 -18.69 -24.38
N MET A 86 4.92 -18.62 -23.37
CA MET A 86 4.97 -19.63 -22.33
C MET A 86 3.71 -19.49 -21.48
N LEU A 87 3.29 -18.24 -21.27
CA LEU A 87 2.09 -17.95 -20.50
C LEU A 87 0.89 -18.59 -21.18
N LYS A 88 0.71 -18.30 -22.46
CA LYS A 88 -0.41 -18.83 -23.22
C LYS A 88 -0.37 -20.36 -23.28
N LYS A 89 0.82 -20.94 -23.31
CA LYS A 89 0.90 -22.39 -23.32
C LYS A 89 0.55 -22.85 -21.92
N TYR A 90 1.01 -22.10 -20.93
CA TYR A 90 0.74 -22.39 -19.52
C TYR A 90 -0.76 -22.40 -19.27
N LEU A 91 -1.41 -21.29 -19.62
CA LEU A 91 -2.84 -21.13 -19.44
C LEU A 91 -3.59 -22.22 -20.19
N LYS A 92 -3.02 -22.71 -21.29
CA LYS A 92 -3.65 -23.76 -22.05
C LYS A 92 -3.47 -25.08 -21.30
N ASP A 93 -2.29 -25.28 -20.72
CA ASP A 93 -2.02 -26.49 -19.95
C ASP A 93 -3.01 -26.66 -18.80
N GLU A 94 -3.16 -25.61 -18.00
CA GLU A 94 -4.04 -25.62 -16.84
C GLU A 94 -5.51 -25.31 -17.11
N ARG A 95 -5.89 -25.06 -18.35
CA ARG A 95 -7.28 -24.76 -18.65
C ARG A 95 -8.20 -25.80 -18.02
N SER A 96 -7.74 -27.05 -18.01
CA SER A 96 -8.51 -28.15 -17.46
C SER A 96 -8.66 -28.08 -15.94
N THR A 97 -7.55 -27.84 -15.26
CA THR A 97 -7.56 -27.77 -13.81
C THR A 97 -8.48 -26.69 -13.22
N TYR A 98 -8.79 -25.66 -14.01
CA TYR A 98 -9.70 -24.60 -13.53
C TYR A 98 -11.10 -25.18 -13.60
N LEU A 99 -11.56 -25.39 -14.83
CA LEU A 99 -12.89 -25.94 -15.09
C LEU A 99 -13.16 -27.16 -14.20
N ASP A 100 -12.13 -27.96 -13.98
CA ASP A 100 -12.24 -29.15 -13.14
C ASP A 100 -12.69 -28.79 -11.73
N ASN A 101 -11.83 -28.07 -11.01
CA ASN A 101 -12.11 -27.66 -9.64
C ASN A 101 -13.08 -26.51 -9.53
N ASN A 102 -13.63 -26.07 -10.66
CA ASN A 102 -14.60 -24.99 -10.69
C ASN A 102 -14.01 -23.68 -10.16
N ILE A 103 -12.86 -23.29 -10.70
CA ILE A 103 -12.21 -22.06 -10.27
C ILE A 103 -12.33 -20.98 -11.32
N ARG A 104 -12.88 -19.84 -10.92
CA ARG A 104 -13.04 -18.73 -11.83
C ARG A 104 -11.69 -18.08 -12.08
N PHE A 105 -11.33 -17.93 -13.34
CA PHE A 105 -10.07 -17.31 -13.67
C PHE A 105 -10.32 -15.87 -14.00
N ARG A 106 -9.42 -15.01 -13.57
CA ARG A 106 -9.56 -13.59 -13.83
C ARG A 106 -8.15 -13.02 -13.91
N ALA A 107 -7.96 -12.05 -14.79
CA ALA A 107 -6.67 -11.43 -14.97
C ALA A 107 -6.76 -9.92 -14.86
N ILE A 108 -5.83 -9.33 -14.11
CA ILE A 108 -5.78 -7.88 -13.94
C ILE A 108 -4.44 -7.43 -14.51
N GLY A 109 -4.32 -6.14 -14.80
CA GLY A 109 -3.09 -5.63 -15.38
C GLY A 109 -3.37 -5.03 -16.73
N ASP A 110 -2.37 -4.49 -17.39
CA ASP A 110 -2.54 -3.90 -18.72
C ASP A 110 -2.47 -4.99 -19.78
N LEU A 111 -3.60 -5.56 -20.15
CA LEU A 111 -3.61 -6.64 -21.14
C LEU A 111 -3.31 -6.14 -22.56
N GLU A 112 -3.49 -4.83 -22.76
CA GLU A 112 -3.24 -4.19 -24.05
C GLU A 112 -1.80 -4.31 -24.47
N GLY A 113 -0.90 -4.56 -23.52
CA GLY A 113 0.50 -4.70 -23.85
C GLY A 113 0.88 -6.12 -24.25
N PHE A 114 -0.10 -7.02 -24.30
CA PHE A 114 0.14 -8.40 -24.67
C PHE A 114 -0.13 -8.68 -26.15
N SER A 115 0.40 -9.79 -26.64
CA SER A 115 0.19 -10.17 -28.04
C SER A 115 -1.28 -10.51 -28.16
N LYS A 116 -1.81 -10.42 -29.37
CA LYS A 116 -3.22 -10.73 -29.61
C LYS A 116 -3.53 -12.16 -29.20
N GLU A 117 -2.59 -13.05 -29.51
CA GLU A 117 -2.71 -14.48 -29.22
C GLU A 117 -2.90 -14.72 -27.72
N LEU A 118 -2.14 -14.00 -26.90
CA LEU A 118 -2.19 -14.13 -25.44
C LEU A 118 -3.42 -13.47 -24.83
N ARG A 119 -3.63 -12.21 -25.17
CA ARG A 119 -4.77 -11.47 -24.64
C ARG A 119 -6.06 -12.20 -25.00
N ASP A 120 -6.00 -13.06 -26.01
CA ASP A 120 -7.16 -13.83 -26.44
C ASP A 120 -7.33 -15.13 -25.66
N THR A 121 -6.23 -15.73 -25.26
CA THR A 121 -6.30 -16.97 -24.48
C THR A 121 -6.87 -16.61 -23.13
N ILE A 122 -6.43 -15.47 -22.60
CA ILE A 122 -6.87 -14.97 -21.30
C ILE A 122 -8.36 -14.63 -21.32
N LEU A 123 -8.77 -13.77 -22.24
CA LEU A 123 -10.18 -13.41 -22.35
C LEU A 123 -11.01 -14.66 -22.54
N GLN A 124 -10.40 -15.69 -23.12
CA GLN A 124 -11.05 -16.96 -23.34
C GLN A 124 -11.27 -17.67 -22.01
N LEU A 125 -10.16 -18.04 -21.38
CA LEU A 125 -10.18 -18.74 -20.11
C LEU A 125 -11.06 -18.02 -19.10
N GLU A 126 -11.10 -16.69 -19.22
CA GLU A 126 -11.92 -15.88 -18.32
C GLU A 126 -13.39 -16.18 -18.52
N ASN A 127 -13.82 -16.10 -19.78
CA ASN A 127 -15.21 -16.33 -20.14
C ASN A 127 -15.67 -17.78 -19.94
N ASP A 128 -14.77 -18.75 -20.13
CA ASP A 128 -15.12 -20.15 -19.97
C ASP A 128 -15.17 -20.57 -18.50
N THR A 129 -14.88 -19.64 -17.60
CA THR A 129 -14.88 -19.92 -16.18
C THR A 129 -15.71 -18.91 -15.39
N ARG A 130 -16.30 -17.96 -16.09
CA ARG A 130 -17.10 -16.91 -15.45
C ARG A 130 -18.19 -17.40 -14.51
N HIS A 131 -18.76 -18.56 -14.79
CA HIS A 131 -19.85 -19.09 -13.98
C HIS A 131 -19.48 -19.59 -12.58
N PHE A 132 -18.23 -20.01 -12.39
CA PHE A 132 -17.81 -20.50 -11.08
C PHE A 132 -17.80 -19.33 -10.10
N LYS A 133 -18.92 -19.14 -9.41
CA LYS A 133 -19.05 -18.05 -8.45
C LYS A 133 -18.97 -18.50 -6.99
N ASP A 134 -17.80 -18.97 -6.58
CA ASP A 134 -17.55 -19.42 -5.21
C ASP A 134 -16.11 -19.12 -4.85
N PHE A 135 -15.19 -19.43 -5.75
CA PHE A 135 -13.77 -19.17 -5.54
C PHE A 135 -13.11 -18.68 -6.82
N THR A 136 -12.47 -17.52 -6.75
CA THR A 136 -11.82 -16.96 -7.91
C THR A 136 -10.33 -16.83 -7.69
N GLN A 137 -9.54 -17.20 -8.70
CA GLN A 137 -8.10 -17.07 -8.64
C GLN A 137 -7.76 -15.96 -9.62
N VAL A 138 -7.12 -14.90 -9.14
CA VAL A 138 -6.76 -13.78 -9.99
C VAL A 138 -5.25 -13.72 -10.20
N LEU A 139 -4.85 -13.52 -11.46
CA LEU A 139 -3.42 -13.42 -11.80
C LEU A 139 -3.12 -12.01 -12.27
N ALA A 140 -2.13 -11.38 -11.64
CA ALA A 140 -1.74 -10.04 -12.02
C ALA A 140 -0.69 -10.20 -13.12
N LEU A 141 -1.04 -9.80 -14.33
CA LEU A 141 -0.15 -9.93 -15.48
C LEU A 141 0.15 -8.56 -16.08
N ASN A 142 1.42 -8.22 -16.17
CA ASN A 142 1.82 -6.91 -16.68
C ASN A 142 0.98 -5.92 -15.89
N TYR A 143 0.95 -6.16 -14.58
CA TYR A 143 0.19 -5.37 -13.64
C TYR A 143 1.04 -4.42 -12.80
N GLY A 144 0.48 -3.23 -12.57
CA GLY A 144 1.14 -2.20 -11.77
C GLY A 144 0.03 -1.35 -11.19
N SER A 145 -0.03 -1.23 -9.87
CA SER A 145 -1.07 -0.46 -9.20
C SER A 145 -1.23 0.97 -9.72
N LYS A 146 -0.15 1.72 -9.88
CA LYS A 146 -0.26 3.08 -10.40
C LYS A 146 -0.86 3.07 -11.80
N ASN A 147 -0.43 2.12 -12.61
CA ASN A 147 -0.94 2.01 -13.96
C ASN A 147 -2.42 1.67 -13.94
N GLU A 148 -2.78 0.67 -13.14
CA GLU A 148 -4.19 0.26 -13.03
C GLU A 148 -5.06 1.45 -12.65
N LEU A 149 -4.58 2.26 -11.71
CA LEU A 149 -5.35 3.43 -11.30
C LEU A 149 -5.35 4.45 -12.42
N SER A 150 -4.27 4.52 -13.20
CA SER A 150 -4.20 5.48 -14.31
C SER A 150 -5.25 5.10 -15.35
N ARG A 151 -5.36 3.81 -15.63
CA ARG A 151 -6.32 3.34 -16.62
C ARG A 151 -7.74 3.55 -16.13
N ALA A 152 -7.95 3.42 -14.83
CA ALA A 152 -9.28 3.64 -14.27
C ALA A 152 -9.66 5.10 -14.46
N PHE A 153 -8.65 5.98 -14.41
CA PHE A 153 -8.89 7.41 -14.60
C PHE A 153 -9.26 7.68 -16.04
N LYS A 154 -8.50 7.09 -16.95
CA LYS A 154 -8.71 7.25 -18.38
C LYS A 154 -10.11 6.78 -18.74
N SER A 155 -10.64 5.87 -17.94
CA SER A 155 -11.98 5.33 -18.14
C SER A 155 -13.05 6.34 -17.76
N LEU A 156 -12.79 7.15 -16.73
CA LEU A 156 -13.75 8.16 -16.27
C LEU A 156 -13.72 9.41 -17.16
N LEU A 157 -12.60 9.65 -17.82
CA LEU A 157 -12.47 10.80 -18.68
C LEU A 157 -13.10 10.49 -20.03
N GLU A 158 -13.18 9.21 -20.35
CA GLU A 158 -13.74 8.77 -21.61
C GLU A 158 -15.22 8.42 -21.44
N SER A 159 -15.55 7.81 -20.31
CA SER A 159 -16.93 7.43 -20.02
C SER A 159 -17.29 7.86 -18.60
N PRO A 160 -17.50 9.17 -18.40
CA PRO A 160 -17.85 9.63 -17.06
C PRO A 160 -19.24 9.13 -16.69
N PRO A 161 -19.57 9.11 -15.38
CA PRO A 161 -20.88 8.66 -14.93
C PRO A 161 -21.88 9.81 -15.04
N SER A 162 -23.05 9.54 -15.62
CA SER A 162 -24.07 10.56 -15.80
C SER A 162 -24.17 11.59 -14.66
N ASN A 163 -24.27 11.13 -13.42
CA ASN A 163 -24.39 12.06 -12.28
C ASN A 163 -23.01 12.52 -11.78
N ILE A 164 -22.03 12.53 -12.67
CA ILE A 164 -20.67 12.93 -12.33
C ILE A 164 -20.57 14.39 -11.93
N SER A 165 -21.50 15.19 -12.44
CA SER A 165 -21.55 16.61 -12.15
C SER A 165 -22.09 16.85 -10.74
N LEU A 166 -22.90 15.90 -10.26
CA LEU A 166 -23.50 15.99 -8.93
C LEU A 166 -22.62 15.30 -7.89
N LEU A 167 -21.49 14.74 -8.35
CA LEU A 167 -20.58 14.03 -7.46
C LEU A 167 -19.46 14.89 -6.90
N GLU A 168 -18.96 14.48 -5.73
CA GLU A 168 -17.87 15.18 -5.06
C GLU A 168 -16.80 14.15 -4.74
N SER A 169 -17.24 12.95 -4.35
CA SER A 169 -16.32 11.87 -4.03
C SER A 169 -16.39 10.82 -5.15
N LEU A 170 -15.23 10.41 -5.66
CA LEU A 170 -15.17 9.44 -6.74
C LEU A 170 -14.66 8.07 -6.32
N GLU A 171 -14.42 7.86 -5.02
CA GLU A 171 -13.93 6.58 -4.53
C GLU A 171 -14.75 5.41 -5.03
N ASN A 172 -16.07 5.53 -4.95
CA ASN A 172 -16.96 4.46 -5.40
C ASN A 172 -16.94 4.36 -6.93
N GLU A 173 -16.72 5.49 -7.60
CA GLU A 173 -16.65 5.51 -9.05
C GLU A 173 -15.36 4.82 -9.49
N ILE A 174 -14.28 5.17 -8.83
CA ILE A 174 -12.96 4.60 -9.12
C ILE A 174 -12.90 3.10 -8.85
N SER A 175 -13.41 2.70 -7.71
CA SER A 175 -13.38 1.30 -7.32
C SER A 175 -13.93 0.38 -8.41
N ASN A 176 -15.04 0.77 -9.05
CA ASN A 176 -15.62 -0.05 -10.11
C ASN A 176 -15.02 0.09 -11.50
N ARG A 177 -14.06 0.99 -11.67
CA ARG A 177 -13.43 1.14 -12.99
C ARG A 177 -12.11 0.38 -12.95
N LEU A 178 -11.75 -0.09 -11.76
CA LEU A 178 -10.52 -0.85 -11.55
C LEU A 178 -10.68 -2.29 -12.03
N ASP A 179 -9.58 -2.85 -12.55
CA ASP A 179 -9.54 -4.22 -13.07
C ASP A 179 -10.20 -5.17 -12.09
N THR A 180 -10.11 -4.87 -10.80
CA THR A 180 -10.68 -5.71 -9.75
C THR A 180 -12.12 -5.40 -9.39
N ARG A 181 -12.82 -4.69 -10.28
CA ARG A 181 -14.21 -4.34 -10.05
C ARG A 181 -15.02 -5.58 -9.65
N ASN A 182 -15.82 -5.45 -8.59
CA ASN A 182 -16.67 -6.54 -8.07
C ASN A 182 -15.91 -7.60 -7.27
N LEU A 183 -14.63 -7.38 -6.97
CA LEU A 183 -13.89 -8.33 -6.16
C LEU A 183 -13.81 -7.73 -4.76
N PRO A 184 -13.88 -8.58 -3.71
CA PRO A 184 -13.80 -7.99 -2.37
C PRO A 184 -12.43 -7.33 -2.13
N GLU A 185 -12.36 -6.40 -1.19
CA GLU A 185 -11.10 -5.73 -0.88
C GLU A 185 -10.15 -6.77 -0.31
N VAL A 186 -8.86 -6.51 -0.38
CA VAL A 186 -7.89 -7.46 0.15
C VAL A 186 -7.94 -7.51 1.68
N ASP A 187 -8.09 -8.69 2.24
CA ASP A 187 -8.13 -8.85 3.68
C ASP A 187 -6.74 -9.10 4.24
N LEU A 188 -5.98 -9.93 3.53
CA LEU A 188 -4.63 -10.27 3.95
C LEU A 188 -3.66 -10.24 2.77
N LEU A 189 -2.65 -9.38 2.86
CA LEU A 189 -1.65 -9.25 1.82
C LEU A 189 -0.35 -9.87 2.35
N LEU A 190 0.16 -10.86 1.63
CA LEU A 190 1.37 -11.57 2.03
C LEU A 190 2.52 -11.48 1.05
N ARG A 191 3.74 -11.38 1.57
CA ARG A 191 4.92 -11.31 0.72
C ARG A 191 6.00 -12.29 1.12
N THR A 192 6.32 -13.21 0.23
CA THR A 192 7.35 -14.20 0.48
C THR A 192 8.68 -13.63 -0.02
N GLY A 193 9.79 -14.26 0.39
CA GLY A 193 11.07 -13.78 -0.08
C GLY A 193 11.84 -12.86 0.85
N GLY A 194 11.26 -12.48 1.97
CA GLY A 194 11.98 -11.62 2.90
C GLY A 194 11.90 -10.10 2.75
N GLU A 195 11.59 -9.60 1.55
CA GLU A 195 11.50 -8.16 1.33
C GLU A 195 10.25 -7.60 2.02
N MET A 196 10.36 -6.35 2.47
CA MET A 196 9.23 -5.72 3.12
C MET A 196 8.78 -4.44 2.41
N ARG A 197 8.39 -4.59 1.15
CA ARG A 197 7.90 -3.49 0.32
C ARG A 197 6.57 -3.93 -0.31
N LEU A 198 5.76 -2.98 -0.77
CA LEU A 198 4.48 -3.33 -1.37
C LEU A 198 4.66 -3.61 -2.85
N SER A 199 5.64 -2.94 -3.42
CA SER A 199 5.95 -3.07 -4.84
C SER A 199 4.82 -2.75 -5.80
N ASN A 200 4.09 -1.67 -5.55
CA ASN A 200 3.05 -1.22 -6.48
C ASN A 200 2.01 -2.32 -6.77
N PHE A 201 1.64 -3.07 -5.74
CA PHE A 201 0.69 -4.15 -5.87
C PHE A 201 -0.58 -3.96 -5.03
N LEU A 202 -1.72 -3.85 -5.71
CA LEU A 202 -3.01 -3.69 -5.06
C LEU A 202 -3.03 -2.63 -3.97
N LEU A 203 -2.44 -1.48 -4.24
CA LEU A 203 -2.37 -0.41 -3.25
C LEU A 203 -3.74 0.09 -2.80
N TRP A 204 -4.63 0.34 -3.75
CA TRP A 204 -5.97 0.79 -3.44
C TRP A 204 -6.74 -0.31 -2.70
N GLN A 205 -6.73 -1.50 -3.30
CA GLN A 205 -7.44 -2.64 -2.76
C GLN A 205 -6.89 -3.22 -1.47
N SER A 206 -5.72 -2.76 -1.04
CA SER A 206 -5.07 -3.24 0.17
C SER A 206 -4.91 -2.15 1.22
N SER A 207 -5.67 -1.07 1.11
CA SER A 207 -5.58 0.03 2.06
C SER A 207 -5.82 -0.37 3.54
N TYR A 208 -6.48 -1.50 3.77
CA TYR A 208 -6.74 -1.93 5.14
C TYR A 208 -6.42 -3.41 5.35
N ALA A 209 -5.67 -3.97 4.43
CA ALA A 209 -5.29 -5.38 4.49
C ALA A 209 -4.26 -5.66 5.56
N GLU A 210 -4.37 -6.83 6.17
CA GLU A 210 -3.42 -7.26 7.18
C GLU A 210 -2.18 -7.65 6.39
N LEU A 211 -1.03 -7.14 6.80
CA LEU A 211 0.20 -7.45 6.09
C LEU A 211 1.04 -8.50 6.79
N PHE A 212 1.53 -9.46 6.01
CA PHE A 212 2.37 -10.52 6.53
C PHE A 212 3.58 -10.62 5.64
N PHE A 213 4.69 -10.99 6.24
CA PHE A 213 5.94 -11.13 5.52
C PHE A 213 6.60 -12.36 6.07
N THR A 214 7.33 -13.06 5.21
CA THR A 214 8.03 -14.27 5.59
C THR A 214 9.28 -14.40 4.71
N PRO A 215 10.38 -14.89 5.29
CA PRO A 215 11.64 -15.05 4.55
C PRO A 215 11.61 -16.27 3.61
N ILE A 216 10.62 -17.12 3.79
CA ILE A 216 10.47 -18.32 2.96
C ILE A 216 10.36 -17.98 1.49
N LEU A 217 11.27 -18.52 0.69
CA LEU A 217 11.26 -18.28 -0.74
C LEU A 217 9.96 -18.88 -1.28
N TRP A 218 9.47 -18.34 -2.40
CA TRP A 218 8.23 -18.83 -2.95
C TRP A 218 8.20 -20.34 -3.24
N PRO A 219 9.21 -20.88 -3.95
CA PRO A 219 9.21 -22.32 -4.23
C PRO A 219 9.13 -23.24 -3.00
N ASP A 220 9.67 -22.78 -1.86
CA ASP A 220 9.65 -23.58 -0.64
C ASP A 220 8.37 -23.29 0.16
N PHE A 221 7.51 -22.45 -0.40
CA PHE A 221 6.29 -22.11 0.30
C PHE A 221 5.28 -23.22 0.14
N THR A 222 4.81 -23.76 1.25
CA THR A 222 3.85 -24.86 1.21
C THR A 222 2.52 -24.42 1.78
N PRO A 223 1.47 -25.24 1.56
CA PRO A 223 0.17 -24.88 2.09
C PRO A 223 0.17 -24.85 3.61
N LYS A 224 1.08 -25.60 4.22
CA LYS A 224 1.14 -25.62 5.68
C LYS A 224 1.51 -24.25 6.19
N ASP A 225 2.48 -23.62 5.53
CA ASP A 225 2.91 -22.29 5.91
C ASP A 225 1.68 -21.36 5.84
N LEU A 226 0.92 -21.50 4.76
CA LEU A 226 -0.27 -20.69 4.58
C LEU A 226 -1.20 -20.83 5.76
N GLU A 227 -1.35 -22.05 6.26
CA GLU A 227 -2.23 -22.29 7.41
C GLU A 227 -1.76 -21.56 8.67
N ASN A 228 -0.48 -21.66 9.00
CA ASN A 228 0.04 -20.97 10.17
C ASN A 228 -0.25 -19.47 10.05
N ILE A 229 0.11 -18.90 8.90
CA ILE A 229 -0.10 -17.48 8.62
C ILE A 229 -1.56 -17.10 8.80
N ILE A 230 -2.48 -17.92 8.30
CA ILE A 230 -3.90 -17.66 8.42
C ILE A 230 -4.31 -17.76 9.88
N SER A 231 -3.67 -18.68 10.60
CA SER A 231 -3.97 -18.81 12.01
C SER A 231 -3.62 -17.49 12.69
N ASP A 232 -2.42 -16.97 12.44
CA ASP A 232 -2.03 -15.69 13.04
C ASP A 232 -2.96 -14.56 12.60
N PHE A 233 -3.45 -14.63 11.35
CA PHE A 233 -4.36 -13.60 10.88
C PHE A 233 -5.52 -13.44 11.86
N TYR A 234 -6.19 -14.53 12.19
CA TYR A 234 -7.30 -14.47 13.13
C TYR A 234 -6.87 -13.95 14.50
N LYS A 235 -5.69 -14.38 14.98
CA LYS A 235 -5.22 -13.90 16.26
C LYS A 235 -5.16 -12.37 16.24
N ARG A 236 -4.67 -11.81 15.14
CA ARG A 236 -4.58 -10.35 15.01
C ARG A 236 -5.97 -9.77 15.10
N VAL A 237 -6.94 -10.47 14.52
CA VAL A 237 -8.33 -10.02 14.52
C VAL A 237 -9.04 -10.49 15.78
N THR B 15 20.23 8.75 1.10
CA THR B 15 19.16 8.27 0.20
C THR B 15 17.83 8.17 0.95
N LEU B 16 17.86 8.45 2.26
CA LEU B 16 16.61 8.45 3.02
C LEU B 16 16.17 9.89 3.03
N LYS B 17 15.21 10.22 2.17
CA LYS B 17 14.72 11.57 2.05
C LYS B 17 13.34 11.80 2.66
N HIS B 18 12.43 10.86 2.44
CA HIS B 18 11.09 10.99 2.95
C HIS B 18 10.71 9.86 3.90
N LEU B 19 10.36 10.23 5.12
CA LEU B 19 9.97 9.28 6.14
C LEU B 19 8.52 9.57 6.51
N ALA B 20 7.69 8.54 6.45
CA ALA B 20 6.28 8.68 6.82
C ALA B 20 6.03 7.79 8.05
N ILE B 21 5.28 8.30 9.01
CA ILE B 21 5.01 7.53 10.21
C ILE B 21 3.55 7.56 10.62
N ILE B 22 3.04 6.39 10.96
CA ILE B 22 1.68 6.30 11.44
C ILE B 22 1.83 6.25 12.98
N MET B 23 1.37 7.31 13.64
CA MET B 23 1.45 7.44 15.09
C MET B 23 0.21 6.73 15.61
N ASP B 24 0.42 5.61 16.29
CA ASP B 24 -0.67 4.80 16.81
C ASP B 24 -0.29 4.28 18.20
N GLY B 25 -1.29 3.94 19.01
CA GLY B 25 -1.01 3.41 20.34
C GLY B 25 -1.15 4.39 21.49
N ASN B 26 -1.60 5.61 21.21
CA ASN B 26 -1.76 6.61 22.27
C ASN B 26 -2.83 6.21 23.28
N GLY B 27 -3.87 5.53 22.80
CA GLY B 27 -4.93 5.09 23.68
C GLY B 27 -4.58 3.89 24.53
N ARG B 28 -3.93 2.89 23.95
CA ARG B 28 -3.55 1.71 24.72
C ARG B 28 -2.53 2.12 25.79
N TRP B 29 -1.66 3.06 25.43
CA TRP B 29 -0.65 3.54 26.36
C TRP B 29 -1.34 4.14 27.58
N ALA B 30 -2.42 4.87 27.34
CA ALA B 30 -3.16 5.53 28.39
C ALA B 30 -3.88 4.55 29.31
N LYS B 31 -4.58 3.57 28.73
CA LYS B 31 -5.31 2.60 29.54
C LYS B 31 -4.33 1.74 30.34
N LEU B 32 -3.13 1.56 29.79
CA LEU B 32 -2.08 0.79 30.44
C LEU B 32 -1.63 1.51 31.70
N LYS B 33 -1.39 2.82 31.58
CA LYS B 33 -0.96 3.63 32.70
C LYS B 33 -2.18 4.05 33.53
N ASN B 34 -3.34 3.53 33.16
CA ASN B 34 -4.58 3.83 33.86
C ASN B 34 -4.84 5.33 33.87
N LYS B 35 -5.06 5.89 32.67
CA LYS B 35 -5.34 7.32 32.52
C LYS B 35 -6.25 7.50 31.31
N ALA B 36 -6.78 8.71 31.12
CA ALA B 36 -7.68 8.97 30.01
C ALA B 36 -6.89 9.26 28.73
N ARG B 37 -7.49 8.93 27.59
CA ARG B 37 -6.85 9.13 26.30
C ARG B 37 -6.12 10.47 26.18
N ALA B 38 -6.72 11.52 26.73
CA ALA B 38 -6.14 12.85 26.68
C ALA B 38 -4.69 12.91 27.17
N TYR B 39 -4.34 12.07 28.13
CA TYR B 39 -2.98 12.06 28.65
C TYR B 39 -2.05 11.39 27.63
N GLY B 40 -2.54 10.34 26.98
CA GLY B 40 -1.75 9.65 25.98
C GLY B 40 -1.45 10.53 24.78
N HIS B 41 -2.46 11.21 24.27
CA HIS B 41 -2.29 12.11 23.13
C HIS B 41 -1.36 13.25 23.53
N LYS B 42 -1.51 13.74 24.76
CA LYS B 42 -0.67 14.81 25.26
C LYS B 42 0.79 14.37 25.15
N LYS B 43 1.07 13.15 25.60
CA LYS B 43 2.42 12.59 25.53
C LYS B 43 2.84 12.41 24.07
N GLY B 44 1.91 11.89 23.26
CA GLY B 44 2.20 11.67 21.86
C GLY B 44 2.58 12.94 21.12
N VAL B 45 2.27 14.10 21.71
CA VAL B 45 2.62 15.37 21.07
C VAL B 45 4.09 15.67 21.32
N LYS B 46 4.60 15.24 22.47
CA LYS B 46 6.03 15.43 22.76
C LYS B 46 6.77 14.52 21.79
N THR B 47 6.34 13.27 21.68
CA THR B 47 7.00 12.35 20.76
C THR B 47 7.06 13.01 19.40
N LEU B 48 5.93 13.49 18.91
CA LEU B 48 5.86 14.15 17.61
C LEU B 48 6.91 15.25 17.48
N LYS B 49 6.96 16.15 18.46
CA LYS B 49 7.92 17.24 18.46
C LYS B 49 9.37 16.74 18.39
N ASP B 50 9.71 15.79 19.26
CA ASP B 50 11.06 15.25 19.32
C ASP B 50 11.48 14.57 18.03
N ILE B 51 10.60 13.74 17.48
CA ILE B 51 10.92 13.05 16.25
C ILE B 51 11.13 14.09 15.13
N THR B 52 10.19 15.02 15.02
CA THR B 52 10.26 16.08 14.02
C THR B 52 11.59 16.82 14.08
N ILE B 53 11.94 17.34 15.25
CA ILE B 53 13.21 18.04 15.41
C ILE B 53 14.39 17.12 15.09
N TRP B 54 14.28 15.85 15.46
CA TRP B 54 15.34 14.89 15.18
C TRP B 54 15.53 14.75 13.65
N CYS B 55 14.44 14.63 12.92
CA CYS B 55 14.54 14.48 11.47
C CYS B 55 15.15 15.72 10.79
N ALA B 56 14.88 16.90 11.33
CA ALA B 56 15.44 18.14 10.79
C ALA B 56 16.96 18.16 10.97
N ASN B 57 17.40 17.86 12.19
CA ASN B 57 18.81 17.84 12.52
C ASN B 57 19.61 16.83 11.68
N HIS B 58 18.96 15.74 11.28
CA HIS B 58 19.64 14.72 10.50
C HIS B 58 19.46 14.85 8.99
N LYS B 59 19.02 16.02 8.58
CA LYS B 59 18.85 16.37 7.18
C LYS B 59 17.86 15.59 6.31
N LEU B 60 16.81 15.03 6.90
CA LEU B 60 15.81 14.36 6.08
C LEU B 60 15.22 15.51 5.27
N GLU B 61 14.46 15.19 4.22
CA GLU B 61 13.87 16.24 3.42
C GLU B 61 12.41 16.43 3.80
N CYS B 62 11.80 15.35 4.25
CA CYS B 62 10.39 15.41 4.55
C CYS B 62 9.98 14.36 5.57
N LEU B 63 9.10 14.75 6.47
CA LEU B 63 8.58 13.84 7.49
C LEU B 63 7.06 13.98 7.50
N THR B 64 6.36 12.92 7.13
CA THR B 64 4.90 12.93 7.09
C THR B 64 4.32 12.06 8.18
N LEU B 65 3.44 12.67 8.99
CA LEU B 65 2.80 12.02 10.11
C LEU B 65 1.29 11.89 9.95
N TYR B 66 0.78 10.70 10.21
CA TYR B 66 -0.65 10.40 10.10
C TYR B 66 -1.31 10.78 11.42
N ALA B 67 -2.10 11.84 11.39
CA ALA B 67 -2.80 12.33 12.59
C ALA B 67 -4.33 12.27 12.44
N MET B 84 -8.92 17.19 18.49
CA MET B 84 -9.49 18.41 17.82
C MET B 84 -9.06 19.69 18.51
N LYS B 85 -9.61 19.93 19.69
CA LYS B 85 -9.26 21.11 20.46
C LYS B 85 -7.75 21.16 20.62
N MET B 86 -7.15 19.97 20.65
CA MET B 86 -5.70 19.84 20.80
C MET B 86 -4.92 20.36 19.59
N LEU B 87 -5.49 20.17 18.41
CA LEU B 87 -4.83 20.61 17.18
C LEU B 87 -4.64 22.11 17.11
N LYS B 88 -5.72 22.86 17.31
CA LYS B 88 -5.63 24.32 17.25
C LYS B 88 -4.64 24.79 18.32
N LYS B 89 -4.64 24.09 19.44
CA LYS B 89 -3.74 24.39 20.56
C LYS B 89 -2.30 24.14 20.14
N TYR B 90 -2.07 22.97 19.55
CA TYR B 90 -0.74 22.58 19.09
C TYR B 90 -0.18 23.62 18.13
N LEU B 91 -0.96 23.94 17.10
CA LEU B 91 -0.55 24.91 16.11
C LEU B 91 -0.28 26.27 16.73
N LYS B 92 -0.90 26.50 17.88
CA LYS B 92 -0.73 27.76 18.60
C LYS B 92 0.54 27.79 19.42
N ASP B 93 0.67 26.84 20.34
CA ASP B 93 1.84 26.78 21.23
C ASP B 93 3.14 26.33 20.57
N GLU B 94 3.07 25.68 19.42
CA GLU B 94 4.28 25.21 18.76
C GLU B 94 4.75 26.10 17.62
N ARG B 95 3.94 27.07 17.23
CA ARG B 95 4.31 27.98 16.15
C ARG B 95 5.76 28.40 16.32
N SER B 96 6.16 28.60 17.58
CA SER B 96 7.51 29.03 17.90
C SER B 96 8.62 28.02 17.55
N THR B 97 8.38 26.72 17.76
CA THR B 97 9.41 25.72 17.46
C THR B 97 9.60 25.47 15.97
N TYR B 98 8.57 25.74 15.18
CA TYR B 98 8.65 25.59 13.73
C TYR B 98 9.54 26.69 13.17
N LEU B 99 9.40 27.88 13.74
CA LEU B 99 10.19 29.03 13.29
C LEU B 99 11.64 28.94 13.75
N ASP B 100 11.84 28.73 15.04
CA ASP B 100 13.19 28.63 15.58
C ASP B 100 14.01 27.61 14.80
N ASN B 101 13.49 26.39 14.68
CA ASN B 101 14.17 25.30 13.99
C ASN B 101 14.15 25.27 12.46
N ASN B 102 13.72 26.35 11.81
CA ASN B 102 13.67 26.39 10.34
C ASN B 102 12.91 25.19 9.77
N ILE B 103 11.74 24.92 10.33
CA ILE B 103 10.92 23.80 9.88
C ILE B 103 9.71 24.26 9.06
N ARG B 104 9.68 23.85 7.81
CA ARG B 104 8.55 24.20 6.95
C ARG B 104 7.36 23.32 7.32
N PHE B 105 6.21 23.95 7.53
CA PHE B 105 4.98 23.24 7.88
C PHE B 105 4.06 23.08 6.69
N ARG B 106 3.52 21.89 6.54
CA ARG B 106 2.61 21.61 5.45
C ARG B 106 1.58 20.56 5.86
N ALA B 107 0.32 20.79 5.51
CA ALA B 107 -0.75 19.86 5.85
C ALA B 107 -1.36 19.25 4.59
N ILE B 108 -1.84 18.02 4.72
CA ILE B 108 -2.49 17.33 3.62
C ILE B 108 -3.76 16.72 4.18
N GLY B 109 -4.67 16.34 3.29
CA GLY B 109 -5.94 15.78 3.73
C GLY B 109 -7.05 16.69 3.21
N ASP B 110 -8.27 16.46 3.69
CA ASP B 110 -9.42 17.24 3.26
C ASP B 110 -9.65 18.36 4.28
N LEU B 111 -9.04 19.51 4.06
CA LEU B 111 -9.17 20.64 4.98
C LEU B 111 -10.56 21.24 5.05
N GLU B 112 -11.35 21.04 4.01
CA GLU B 112 -12.72 21.56 3.95
C GLU B 112 -13.53 21.21 5.18
N GLY B 113 -13.38 19.98 5.66
CA GLY B 113 -14.13 19.51 6.81
C GLY B 113 -13.74 20.12 8.15
N PHE B 114 -12.90 21.15 8.11
CA PHE B 114 -12.46 21.80 9.34
C PHE B 114 -13.14 23.16 9.48
N SER B 115 -13.24 23.64 10.71
CA SER B 115 -13.87 24.93 10.97
C SER B 115 -13.10 26.07 10.28
N LYS B 116 -13.79 27.18 10.10
CA LYS B 116 -13.18 28.34 9.45
C LYS B 116 -12.02 28.88 10.28
N GLU B 117 -12.04 28.60 11.58
CA GLU B 117 -10.99 29.08 12.47
C GLU B 117 -9.77 28.16 12.46
N LEU B 118 -10.02 26.85 12.44
CA LEU B 118 -8.94 25.88 12.41
C LEU B 118 -8.18 25.98 11.10
N ARG B 119 -8.92 26.09 10.00
CA ARG B 119 -8.33 26.19 8.67
C ARG B 119 -7.37 27.38 8.56
N ASP B 120 -7.70 28.48 9.23
CA ASP B 120 -6.87 29.68 9.19
C ASP B 120 -5.53 29.43 9.84
N THR B 121 -5.54 28.89 11.05
CA THR B 121 -4.31 28.60 11.78
C THR B 121 -3.38 27.76 10.91
N ILE B 122 -3.94 26.69 10.34
CA ILE B 122 -3.19 25.78 9.48
C ILE B 122 -2.59 26.50 8.27
N LEU B 123 -3.43 27.18 7.50
CA LEU B 123 -2.94 27.89 6.32
C LEU B 123 -1.94 28.95 6.71
N GLN B 124 -2.23 29.67 7.78
CA GLN B 124 -1.35 30.73 8.23
C GLN B 124 0.01 30.17 8.57
N LEU B 125 0.04 29.02 9.22
CA LEU B 125 1.31 28.37 9.61
C LEU B 125 2.12 27.93 8.40
N GLU B 126 1.44 27.46 7.37
CA GLU B 126 2.12 27.04 6.15
C GLU B 126 2.76 28.27 5.53
N ASN B 127 2.05 29.39 5.62
CA ASN B 127 2.50 30.67 5.09
C ASN B 127 3.68 31.25 5.88
N ASP B 128 3.58 31.21 7.20
CA ASP B 128 4.64 31.75 8.05
C ASP B 128 5.91 30.90 8.01
N THR B 129 5.88 29.77 7.30
CA THR B 129 7.03 28.87 7.24
C THR B 129 7.49 28.53 5.82
N ARG B 130 6.70 28.90 4.82
CA ARG B 130 7.03 28.59 3.44
C ARG B 130 8.45 28.95 3.01
N HIS B 131 9.09 29.88 3.72
CA HIS B 131 10.44 30.23 3.31
C HIS B 131 11.48 29.14 3.59
N PHE B 132 11.22 28.27 4.56
CA PHE B 132 12.17 27.20 4.86
C PHE B 132 12.11 26.19 3.72
N LYS B 133 13.27 25.81 3.20
CA LYS B 133 13.31 24.89 2.07
C LYS B 133 14.05 23.57 2.31
N ASP B 134 14.71 23.43 3.45
CA ASP B 134 15.46 22.22 3.70
C ASP B 134 14.66 21.04 4.23
N PHE B 135 13.93 21.26 5.32
CA PHE B 135 13.14 20.20 5.91
C PHE B 135 11.67 20.61 5.95
N THR B 136 10.80 19.66 5.64
CA THR B 136 9.37 19.91 5.66
C THR B 136 8.67 18.88 6.55
N GLN B 137 7.75 19.35 7.39
CA GLN B 137 6.99 18.45 8.26
C GLN B 137 5.55 18.50 7.77
N VAL B 138 5.02 17.34 7.43
CA VAL B 138 3.67 17.22 6.92
C VAL B 138 2.73 16.52 7.89
N LEU B 139 1.68 17.21 8.32
CA LEU B 139 0.70 16.61 9.21
C LEU B 139 -0.47 16.23 8.32
N ALA B 140 -0.84 14.96 8.32
CA ALA B 140 -1.96 14.46 7.54
C ALA B 140 -3.16 14.68 8.44
N LEU B 141 -3.97 15.69 8.10
CA LEU B 141 -5.14 16.04 8.90
C LEU B 141 -6.40 15.72 8.10
N ASN B 142 -7.31 14.95 8.70
CA ASN B 142 -8.55 14.55 8.02
C ASN B 142 -8.14 13.98 6.67
N TYR B 143 -7.14 13.09 6.70
CA TYR B 143 -6.57 12.48 5.52
C TYR B 143 -6.98 11.05 5.26
N GLY B 144 -7.19 10.76 3.97
CA GLY B 144 -7.56 9.45 3.51
C GLY B 144 -6.93 9.28 2.14
N SER B 145 -6.11 8.23 2.00
CA SER B 145 -5.43 7.99 0.76
C SER B 145 -6.40 7.81 -0.42
N LYS B 146 -7.52 7.13 -0.18
CA LYS B 146 -8.51 6.93 -1.24
C LYS B 146 -9.15 8.25 -1.58
N ASN B 147 -9.41 9.05 -0.56
CA ASN B 147 -10.01 10.35 -0.77
C ASN B 147 -9.06 11.32 -1.49
N GLU B 148 -7.77 11.24 -1.20
CA GLU B 148 -6.80 12.13 -1.86
C GLU B 148 -6.75 11.82 -3.36
N LEU B 149 -6.84 10.54 -3.69
CA LEU B 149 -6.82 10.13 -5.09
C LEU B 149 -8.12 10.58 -5.75
N SER B 150 -9.18 10.60 -4.96
CA SER B 150 -10.48 11.02 -5.45
C SER B 150 -10.51 12.51 -5.74
N ARG B 151 -9.79 13.29 -4.95
CA ARG B 151 -9.78 14.73 -5.16
C ARG B 151 -8.87 15.12 -6.33
N ALA B 152 -7.83 14.34 -6.55
CA ALA B 152 -6.91 14.62 -7.65
C ALA B 152 -7.58 14.23 -8.97
N PHE B 153 -8.37 13.16 -8.94
CA PHE B 153 -9.05 12.71 -10.14
C PHE B 153 -10.05 13.75 -10.56
N LYS B 154 -10.85 14.18 -9.60
CA LYS B 154 -11.88 15.19 -9.79
C LYS B 154 -11.25 16.47 -10.33
N SER B 155 -10.04 16.77 -9.84
CA SER B 155 -9.32 17.94 -10.27
C SER B 155 -8.94 17.82 -11.74
N LEU B 156 -8.46 16.63 -12.11
CA LEU B 156 -8.04 16.36 -13.48
C LEU B 156 -9.20 16.45 -14.45
N LEU B 157 -10.30 15.78 -14.13
CA LEU B 157 -11.48 15.83 -14.98
C LEU B 157 -11.83 17.29 -15.16
N GLU B 158 -12.20 17.94 -14.05
CA GLU B 158 -12.56 19.35 -14.03
C GLU B 158 -11.61 20.19 -14.88
N SER B 159 -10.31 20.14 -14.57
CA SER B 159 -9.31 20.91 -15.29
C SER B 159 -8.12 20.07 -15.73
N PRO B 160 -8.20 19.43 -16.91
CA PRO B 160 -7.12 18.58 -17.43
C PRO B 160 -5.85 19.33 -17.85
N LEU B 170 0.23 9.87 -17.90
CA LEU B 170 -0.94 9.98 -16.99
C LEU B 170 -0.55 9.82 -15.51
N GLU B 171 0.20 8.77 -15.20
CA GLU B 171 0.61 8.54 -13.82
C GLU B 171 1.24 9.77 -13.17
N ASN B 172 2.09 10.46 -13.92
CA ASN B 172 2.75 11.66 -13.38
C ASN B 172 1.79 12.84 -13.27
N GLU B 173 0.77 12.87 -14.11
CA GLU B 173 -0.21 13.95 -14.05
C GLU B 173 -1.10 13.80 -12.81
N ILE B 174 -1.41 12.55 -12.46
CA ILE B 174 -2.23 12.25 -11.29
C ILE B 174 -1.41 12.60 -10.05
N SER B 175 -0.13 12.24 -10.11
CA SER B 175 0.79 12.49 -9.01
C SER B 175 0.85 13.97 -8.64
N ASN B 176 1.08 14.85 -9.62
CA ASN B 176 1.15 16.27 -9.32
C ASN B 176 -0.17 16.89 -8.85
N ARG B 177 -1.26 16.12 -8.85
CA ARG B 177 -2.53 16.64 -8.41
C ARG B 177 -2.80 16.23 -6.97
N LEU B 178 -1.89 15.46 -6.40
CA LEU B 178 -2.02 14.99 -5.03
C LEU B 178 -1.54 16.03 -4.02
N ASP B 179 -2.07 15.97 -2.80
CA ASP B 179 -1.70 16.92 -1.75
C ASP B 179 -0.18 17.02 -1.61
N THR B 180 0.50 15.90 -1.84
CA THR B 180 1.96 15.81 -1.73
C THR B 180 2.74 16.23 -2.97
N ARG B 181 2.02 16.65 -4.01
CA ARG B 181 2.62 17.03 -5.29
C ARG B 181 4.09 17.47 -5.36
N ASN B 182 4.56 18.28 -4.42
CA ASN B 182 5.96 18.71 -4.51
C ASN B 182 7.00 17.94 -3.71
N LEU B 183 6.56 16.92 -2.98
CA LEU B 183 7.47 16.13 -2.16
C LEU B 183 7.89 14.86 -2.89
N PRO B 184 8.99 14.24 -2.45
CA PRO B 184 9.50 13.00 -3.05
C PRO B 184 8.71 11.78 -2.54
N GLU B 185 8.78 10.67 -3.27
CA GLU B 185 8.06 9.45 -2.87
C GLU B 185 8.53 9.00 -1.50
N VAL B 186 7.68 8.27 -0.78
CA VAL B 186 8.05 7.80 0.55
C VAL B 186 9.14 6.71 0.44
N ASP B 187 10.21 6.88 1.22
CA ASP B 187 11.33 5.95 1.23
C ASP B 187 11.14 4.92 2.31
N LEU B 188 10.60 5.37 3.45
CA LEU B 188 10.39 4.51 4.60
C LEU B 188 9.09 4.84 5.31
N LEU B 189 8.18 3.88 5.34
CA LEU B 189 6.91 4.05 5.99
C LEU B 189 6.95 3.16 7.23
N LEU B 190 6.85 3.79 8.39
CA LEU B 190 6.91 3.13 9.66
C LEU B 190 5.58 3.21 10.40
N ARG B 191 5.18 2.13 11.03
CA ARG B 191 3.97 2.15 11.81
C ARG B 191 4.25 1.72 13.26
N THR B 192 3.94 2.60 14.21
CA THR B 192 4.15 2.28 15.62
C THR B 192 2.83 1.69 16.10
N GLY B 193 2.79 1.20 17.34
CA GLY B 193 1.55 0.65 17.86
C GLY B 193 1.36 -0.86 17.80
N GLY B 194 2.07 -1.55 16.92
CA GLY B 194 1.95 -3.00 16.85
C GLY B 194 1.14 -3.53 15.68
N GLU B 195 0.19 -2.75 15.19
CA GLU B 195 -0.64 -3.17 14.07
C GLU B 195 0.17 -3.21 12.78
N MET B 196 -0.25 -4.08 11.85
CA MET B 196 0.46 -4.22 10.60
C MET B 196 -0.46 -4.08 9.40
N ARG B 197 -0.72 -2.82 9.03
CA ARG B 197 -1.56 -2.44 7.91
C ARG B 197 -1.31 -0.95 7.67
N LEU B 198 -1.52 -0.51 6.45
CA LEU B 198 -1.26 0.88 6.08
C LEU B 198 -2.36 1.83 6.47
N SER B 199 -3.56 1.30 6.69
CA SER B 199 -4.70 2.12 7.08
C SER B 199 -4.97 3.36 6.23
N ASN B 200 -5.04 3.16 4.91
CA ASN B 200 -5.38 4.24 3.96
C ASN B 200 -4.43 5.42 4.01
N PHE B 201 -3.15 5.16 4.29
CA PHE B 201 -2.17 6.23 4.39
C PHE B 201 -1.07 6.21 3.33
N LEU B 202 -1.03 7.27 2.53
CA LEU B 202 -0.02 7.44 1.50
C LEU B 202 0.23 6.19 0.68
N LEU B 203 -0.86 5.54 0.26
CA LEU B 203 -0.75 4.31 -0.51
C LEU B 203 0.00 4.51 -1.84
N TRP B 204 -0.39 5.52 -2.60
CA TRP B 204 0.24 5.81 -3.87
C TRP B 204 1.69 6.23 -3.69
N GLN B 205 1.92 7.14 -2.75
CA GLN B 205 3.25 7.67 -2.46
C GLN B 205 4.21 6.67 -1.81
N SER B 206 3.67 5.57 -1.29
CA SER B 206 4.49 4.54 -0.63
C SER B 206 4.59 3.22 -1.37
N SER B 207 4.27 3.22 -2.66
CA SER B 207 4.30 2.00 -3.47
C SER B 207 5.61 1.18 -3.43
N TYR B 208 6.75 1.84 -3.23
CA TYR B 208 8.02 1.13 -3.19
C TYR B 208 8.79 1.42 -1.90
N ALA B 209 8.09 1.94 -0.90
CA ALA B 209 8.73 2.24 0.38
C ALA B 209 9.10 0.99 1.17
N GLU B 210 10.12 1.12 2.01
CA GLU B 210 10.50 0.02 2.86
C GLU B 210 9.54 0.12 4.03
N LEU B 211 8.92 -1.00 4.41
CA LEU B 211 7.97 -0.99 5.50
C LEU B 211 8.60 -1.39 6.83
N PHE B 212 8.19 -0.73 7.90
CA PHE B 212 8.69 -1.04 9.23
C PHE B 212 7.54 -0.97 10.20
N PHE B 213 7.53 -1.92 11.12
CA PHE B 213 6.50 -2.01 12.13
C PHE B 213 7.18 -2.17 13.46
N THR B 214 6.69 -1.45 14.46
CA THR B 214 7.23 -1.56 15.79
C THR B 214 6.09 -1.67 16.78
N PRO B 215 6.20 -2.59 17.76
CA PRO B 215 5.16 -2.80 18.78
C PRO B 215 5.11 -1.62 19.75
N ILE B 216 6.15 -0.80 19.73
CA ILE B 216 6.24 0.34 20.63
C ILE B 216 5.06 1.27 20.43
N LEU B 217 4.48 1.74 21.53
CA LEU B 217 3.35 2.65 21.46
C LEU B 217 3.90 4.04 21.23
N TRP B 218 3.21 4.80 20.38
CA TRP B 218 3.67 6.15 20.04
C TRP B 218 4.26 6.97 21.19
N PRO B 219 3.59 7.03 22.34
CA PRO B 219 4.11 7.81 23.48
C PRO B 219 5.43 7.32 24.06
N ASP B 220 5.77 6.06 23.82
CA ASP B 220 7.02 5.49 24.31
C ASP B 220 8.11 5.59 23.27
N PHE B 221 7.72 5.87 22.03
CA PHE B 221 8.66 5.96 20.92
C PHE B 221 9.63 7.11 21.11
N THR B 222 10.91 6.83 20.93
CA THR B 222 11.95 7.84 21.10
C THR B 222 12.85 7.96 19.88
N PRO B 223 13.65 9.02 19.82
CA PRO B 223 14.57 9.24 18.69
C PRO B 223 15.52 8.05 18.60
N LYS B 224 15.83 7.48 19.75
CA LYS B 224 16.73 6.33 19.81
C LYS B 224 16.11 5.12 19.07
N ASP B 225 14.82 4.89 19.27
CA ASP B 225 14.17 3.78 18.59
C ASP B 225 14.23 4.07 17.11
N LEU B 226 13.94 5.31 16.75
CA LEU B 226 13.97 5.72 15.35
C LEU B 226 15.36 5.49 14.71
N GLU B 227 16.43 5.71 15.45
CA GLU B 227 17.77 5.50 14.93
C GLU B 227 18.03 4.03 14.56
N ASN B 228 17.62 3.10 15.44
CA ASN B 228 17.84 1.68 15.15
C ASN B 228 17.13 1.34 13.87
N ILE B 229 15.92 1.87 13.73
CA ILE B 229 15.12 1.62 12.56
C ILE B 229 15.80 2.16 11.30
N ILE B 230 16.33 3.38 11.40
CA ILE B 230 16.99 3.95 10.24
C ILE B 230 18.27 3.21 9.88
N SER B 231 18.92 2.58 10.87
CA SER B 231 20.11 1.79 10.63
C SER B 231 19.70 0.53 9.89
N ASP B 232 18.54 -0.01 10.26
CA ASP B 232 18.01 -1.20 9.61
C ASP B 232 17.67 -0.90 8.16
N PHE B 233 17.04 0.26 7.94
CA PHE B 233 16.66 0.66 6.60
C PHE B 233 17.89 0.60 5.68
N TYR B 234 19.04 1.05 6.19
CA TYR B 234 20.26 1.03 5.38
C TYR B 234 20.82 -0.37 5.22
N LYS B 235 20.62 -1.23 6.22
CA LYS B 235 21.11 -2.60 6.10
C LYS B 235 20.31 -3.24 5.00
N ARG B 236 19.01 -2.98 4.97
CA ARG B 236 18.13 -3.53 3.93
C ARG B 236 18.57 -3.05 2.55
N VAL B 237 18.81 -1.75 2.45
CA VAL B 237 19.24 -1.16 1.19
C VAL B 237 20.54 -1.76 0.68
N ARG B 238 21.33 -2.32 1.59
CA ARG B 238 22.60 -2.94 1.23
C ARG B 238 22.43 -4.41 0.88
N LYS B 239 21.38 -5.03 1.43
CA LYS B 239 21.14 -6.45 1.17
C LYS B 239 20.52 -6.77 -0.19
N PHE B 240 19.69 -5.88 -0.73
CA PHE B 240 19.09 -6.18 -2.03
C PHE B 240 20.11 -6.11 -3.16
N GLY B 241 21.21 -5.42 -2.91
CA GLY B 241 22.27 -5.30 -3.91
C GLY B 241 23.33 -6.35 -3.70
N GLU B 242 22.91 -7.52 -3.22
CA GLU B 242 23.81 -8.63 -2.97
C GLU B 242 23.10 -9.98 -3.15
P1 DPO C . -5.49 5.52 18.82
O1 DPO C . -6.48 6.77 18.67
O2 DPO C . -5.33 4.81 17.38
O3 DPO C . -4.16 6.01 19.29
O4 DPO C . -6.14 4.47 19.87
P2 DPO C . -5.18 3.17 20.08
O5 DPO C . -5.91 2.17 21.10
O6 DPO C . -4.92 2.41 18.68
O7 DPO C . -3.90 3.60 20.68
#